data_5UTH
#
_entry.id   5UTH
#
_cell.length_a   69.280
_cell.length_b   69.280
_cell.length_c   153.800
_cell.angle_alpha   90.000
_cell.angle_beta   90.000
_cell.angle_gamma   120.000
#
_symmetry.space_group_name_H-M   'P 31 2 1'
#
loop_
_entity.id
_entity.type
_entity.pdbx_description
1 polymer 'Thioredoxin reductase'
2 non-polymer 'FLAVIN-ADENINE DINUCLEOTIDE'
3 non-polymer 'SULFATE ION'
4 water water
#
_entity_poly.entity_id   1
_entity_poly.type   'polypeptide(L)'
_entity_poly.pdbx_seq_one_letter_code
;MAHHHHHHMSTSQTVHDVIIIGSGPAGYTAAIYAARAQLKPLVFEGTQFGGALMTTTEVENYPGFREGITGPELMDQMRE
QALRFGADLRMEDVDAVQLEGPVKTVVVGDETHQARAVILAMGAAARHLGVPGEEALTGMGVSTCATCDGFFFRDQDIVV
VGGGDSAMEEATFLTRFARSVTLIHRRDEFRASKIMLERARANEKITFLTNTEITQIEGDPKVTGVRLRDTVTGEESKLD
VTGVFVAIGHDPRSELVRGQVELDDEGYVKVQGRTTYTSLDGVFAAGDLVDHTYRQAITAAGSGCAASIDAERWLAEQD
;
_entity_poly.pdbx_strand_id   A
#
loop_
_chem_comp.id
_chem_comp.type
_chem_comp.name
_chem_comp.formula
FAD non-polymer 'FLAVIN-ADENINE DINUCLEOTIDE' 'C27 H33 N9 O15 P2'
SO4 non-polymer 'SULFATE ION' 'O4 S -2'
#
# COMPACT_ATOMS: atom_id res chain seq x y z
N GLN A 13 24.12 18.28 13.71
CA GLN A 13 24.04 18.78 15.08
C GLN A 13 22.62 19.23 15.45
N THR A 14 21.81 19.58 14.45
CA THR A 14 20.42 19.97 14.68
C THR A 14 19.56 18.75 14.96
N VAL A 15 18.86 18.74 16.08
CA VAL A 15 17.93 17.67 16.40
C VAL A 15 16.51 18.21 16.17
N HIS A 16 15.85 17.71 15.12
CA HIS A 16 14.50 18.14 14.81
CA HIS A 16 14.51 18.15 14.81
C HIS A 16 13.51 17.57 15.83
N ASP A 17 12.33 18.19 15.89
CA ASP A 17 11.26 17.61 16.70
C ASP A 17 10.83 16.26 16.14
N VAL A 18 10.64 16.16 14.83
CA VAL A 18 10.05 14.96 14.26
C VAL A 18 10.55 14.77 12.84
N ILE A 19 10.87 13.52 12.51
CA ILE A 19 11.17 13.10 11.15
C ILE A 19 10.08 12.14 10.72
N ILE A 20 9.59 12.32 9.49
CA ILE A 20 8.59 11.44 8.89
C ILE A 20 9.24 10.72 7.71
N ILE A 21 9.03 9.40 7.63
CA ILE A 21 9.57 8.58 6.55
C ILE A 21 8.42 8.09 5.69
N GLY A 22 8.26 8.69 4.52
CA GLY A 22 7.29 8.22 3.55
C GLY A 22 6.37 9.34 3.12
N SER A 23 5.88 9.23 1.88
CA SER A 23 5.11 10.31 1.28
C SER A 23 3.85 9.79 0.59
N GLY A 24 3.21 8.77 1.13
CA GLY A 24 1.86 8.48 0.74
C GLY A 24 0.90 9.32 1.55
N PRO A 25 -0.40 8.96 1.54
CA PRO A 25 -1.37 9.73 2.34
C PRO A 25 -1.03 9.75 3.82
N ALA A 26 -0.48 8.68 4.36
CA ALA A 26 -0.17 8.70 5.79
C ALA A 26 0.94 9.71 6.08
N GLY A 27 2.05 9.64 5.33
CA GLY A 27 3.15 10.57 5.55
C GLY A 27 2.76 12.03 5.35
N TYR A 28 2.09 12.36 4.24
CA TYR A 28 1.71 13.75 4.01
C TYR A 28 0.73 14.25 5.05
N THR A 29 -0.22 13.39 5.48
CA THR A 29 -1.17 13.88 6.48
C THR A 29 -0.48 14.09 7.82
N ALA A 30 0.44 13.19 8.18
CA ALA A 30 1.26 13.44 9.36
C ALA A 30 2.05 14.73 9.22
N ALA A 31 2.59 14.99 8.02
CA ALA A 31 3.39 16.20 7.82
C ALA A 31 2.52 17.46 7.90
N ILE A 32 1.32 17.41 7.34
CA ILE A 32 0.42 18.55 7.44
C ILE A 32 0.14 18.87 8.90
N TYR A 33 -0.20 17.86 9.69
CA TYR A 33 -0.54 18.13 11.08
C TYR A 33 0.68 18.61 11.86
N ALA A 34 1.84 17.98 11.66
CA ALA A 34 3.03 18.36 12.41
C ALA A 34 3.50 19.76 12.04
N ALA A 35 3.42 20.11 10.76
CA ALA A 35 3.83 21.46 10.34
C ALA A 35 2.85 22.49 10.88
N ARG A 36 1.56 22.22 10.78
CA ARG A 36 0.59 23.18 11.32
C ARG A 36 0.70 23.32 12.83
N ALA A 37 1.26 22.31 13.50
CA ALA A 37 1.54 22.37 14.93
C ALA A 37 2.91 22.98 15.24
N GLN A 38 3.58 23.54 14.23
CA GLN A 38 4.85 24.26 14.39
C GLN A 38 6.00 23.33 14.80
N LEU A 39 5.89 22.04 14.45
CA LEU A 39 6.98 21.11 14.73
C LEU A 39 8.05 21.09 13.65
N LYS A 40 7.87 21.86 12.58
CA LYS A 40 8.82 21.91 11.46
C LYS A 40 9.25 20.51 11.05
N PRO A 41 8.33 19.66 10.59
CA PRO A 41 8.68 18.27 10.30
C PRO A 41 9.63 18.18 9.11
N LEU A 42 10.56 17.25 9.20
CA LEU A 42 11.47 16.92 8.11
C LEU A 42 10.99 15.60 7.52
N VAL A 43 10.61 15.61 6.25
CA VAL A 43 9.94 14.48 5.63
C VAL A 43 10.83 13.91 4.54
N PHE A 44 11.17 12.63 4.65
CA PHE A 44 11.88 11.93 3.59
C PHE A 44 10.85 11.18 2.76
N GLU A 45 10.64 11.67 1.54
CA GLU A 45 9.54 11.24 0.71
C GLU A 45 9.87 10.01 -0.11
N GLY A 46 11.16 9.71 -0.28
CA GLY A 46 11.62 8.70 -1.20
C GLY A 46 11.82 9.27 -2.60
N THR A 47 12.61 8.57 -3.41
CA THR A 47 12.71 8.98 -4.80
C THR A 47 11.47 8.62 -5.58
N GLN A 48 10.76 7.55 -5.19
CA GLN A 48 9.46 7.25 -5.76
C GLN A 48 8.35 7.82 -4.88
N PHE A 49 8.37 9.14 -4.74
CA PHE A 49 7.51 9.81 -3.78
C PHE A 49 6.04 9.71 -4.20
N GLY A 50 5.16 10.08 -3.26
CA GLY A 50 3.75 10.20 -3.54
C GLY A 50 2.94 8.96 -3.27
N GLY A 51 3.56 7.85 -2.90
CA GLY A 51 2.83 6.67 -2.53
C GLY A 51 2.15 5.97 -3.69
N ALA A 52 1.27 5.04 -3.31
CA ALA A 52 0.66 4.13 -4.27
C ALA A 52 -0.29 4.84 -5.23
N LEU A 53 -0.87 5.98 -4.83
CA LEU A 53 -1.79 6.67 -5.73
C LEU A 53 -1.10 7.32 -6.92
N MET A 54 0.23 7.49 -6.89
CA MET A 54 0.88 8.01 -8.09
C MET A 54 0.75 7.05 -9.27
N THR A 55 0.56 5.76 -9.02
CA THR A 55 0.54 4.75 -10.07
C THR A 55 -0.85 4.44 -10.58
N THR A 56 -1.89 5.08 -10.04
CA THR A 56 -3.25 4.84 -10.50
C THR A 56 -3.81 6.04 -11.26
N THR A 57 -5.02 5.86 -11.78
CA THR A 57 -5.69 6.93 -12.50
C THR A 57 -6.76 7.49 -11.56
N GLU A 58 -8.03 7.22 -11.83
CA GLU A 58 -9.11 7.90 -11.09
C GLU A 58 -9.32 7.32 -9.70
N VAL A 59 -9.32 8.20 -8.69
CA VAL A 59 -9.65 7.86 -7.32
C VAL A 59 -11.03 8.44 -7.02
N GLU A 60 -12.01 7.56 -6.75
CA GLU A 60 -13.41 7.96 -6.62
C GLU A 60 -13.97 7.80 -5.20
N ASN A 61 -13.26 7.10 -4.33
CA ASN A 61 -13.77 6.78 -3.00
C ASN A 61 -13.04 7.52 -1.90
N TYR A 62 -12.20 8.51 -2.23
CA TYR A 62 -11.60 9.35 -1.21
C TYR A 62 -12.57 10.51 -0.93
N PRO A 63 -13.13 10.61 0.27
CA PRO A 63 -14.25 11.55 0.49
C PRO A 63 -13.81 13.00 0.39
N GLY A 64 -14.65 13.80 -0.26
CA GLY A 64 -14.35 15.20 -0.50
C GLY A 64 -14.28 15.59 -1.96
N PHE A 65 -14.57 14.68 -2.89
CA PHE A 65 -14.41 14.90 -4.32
C PHE A 65 -15.60 14.27 -5.06
N ARG A 66 -16.65 15.06 -5.30
CA ARG A 66 -17.90 14.47 -5.77
C ARG A 66 -17.78 13.86 -7.16
N GLU A 67 -16.83 14.31 -7.99
CA GLU A 67 -16.60 13.69 -9.29
C GLU A 67 -15.22 13.03 -9.36
N GLY A 68 -14.57 12.82 -8.23
CA GLY A 68 -13.31 12.09 -8.19
C GLY A 68 -12.13 13.00 -8.47
N ILE A 69 -10.95 12.37 -8.50
CA ILE A 69 -9.70 13.08 -8.71
C ILE A 69 -8.66 12.03 -9.08
N THR A 70 -7.71 12.38 -9.95
CA THR A 70 -6.68 11.41 -10.25
C THR A 70 -5.74 11.22 -9.06
N GLY A 71 -5.10 10.06 -9.02
CA GLY A 71 -4.15 9.76 -7.97
C GLY A 71 -3.08 10.83 -7.84
N PRO A 72 -2.42 11.17 -8.95
CA PRO A 72 -1.37 12.19 -8.85
C PRO A 72 -1.91 13.57 -8.48
N GLU A 73 -3.08 13.96 -9.00
CA GLU A 73 -3.68 15.23 -8.60
C GLU A 73 -3.90 15.29 -7.10
N LEU A 74 -4.45 14.21 -6.53
CA LEU A 74 -4.69 14.19 -5.09
C LEU A 74 -3.39 14.26 -4.30
N MET A 75 -2.37 13.49 -4.71
CA MET A 75 -1.10 13.54 -3.99
C MET A 75 -0.40 14.88 -4.16
N ASP A 76 -0.58 15.56 -5.29
CA ASP A 76 0.03 16.88 -5.39
CA ASP A 76 -0.02 16.90 -5.46
C ASP A 76 -0.65 17.88 -4.48
N GLN A 77 -1.98 17.78 -4.28
CA GLN A 77 -2.63 18.63 -3.30
C GLN A 77 -2.06 18.40 -1.91
N MET A 78 -1.91 17.13 -1.52
CA MET A 78 -1.39 16.81 -0.19
C MET A 78 0.02 17.36 -0.01
N ARG A 79 0.87 17.21 -1.02
CA ARG A 79 2.24 17.68 -0.91
C ARG A 79 2.29 19.20 -0.81
N GLU A 80 1.53 19.90 -1.65
CA GLU A 80 1.52 21.35 -1.57
C GLU A 80 0.93 21.82 -0.25
N GLN A 81 -0.02 21.07 0.30
CA GLN A 81 -0.63 21.43 1.57
C GLN A 81 0.40 21.29 2.70
N ALA A 82 1.19 20.23 2.67
CA ALA A 82 2.26 20.07 3.64
C ALA A 82 3.25 21.23 3.53
N LEU A 83 3.62 21.62 2.31
CA LEU A 83 4.56 22.72 2.13
C LEU A 83 3.97 24.03 2.67
N ARG A 84 2.68 24.25 2.46
CA ARG A 84 2.06 25.50 2.87
C ARG A 84 2.25 25.77 4.36
N PHE A 85 2.24 24.72 5.18
CA PHE A 85 2.38 24.91 6.61
C PHE A 85 3.82 24.77 7.09
N GLY A 86 4.78 24.61 6.17
CA GLY A 86 6.18 24.65 6.53
C GLY A 86 6.90 23.32 6.60
N ALA A 87 6.33 22.24 6.08
CA ALA A 87 7.05 20.99 6.08
C ALA A 87 8.30 21.10 5.22
N ASP A 88 9.37 20.44 5.64
CA ASP A 88 10.63 20.34 4.91
C ASP A 88 10.61 18.98 4.21
N LEU A 89 10.38 18.99 2.90
CA LEU A 89 10.21 17.76 2.13
C LEU A 89 11.48 17.49 1.32
N ARG A 90 11.99 16.25 1.40
CA ARG A 90 13.17 15.83 0.64
C ARG A 90 12.83 14.58 -0.14
N MET A 91 13.02 14.61 -1.46
CA MET A 91 12.72 13.45 -2.31
C MET A 91 13.91 12.49 -2.31
N GLU A 92 14.15 11.91 -1.14
CA GLU A 92 15.27 11.00 -0.94
C GLU A 92 14.81 9.85 -0.06
N ASP A 93 15.44 8.69 -0.23
CA ASP A 93 15.10 7.53 0.57
C ASP A 93 15.95 7.46 1.84
N VAL A 94 15.32 7.09 2.95
CA VAL A 94 16.09 6.73 4.14
C VAL A 94 16.66 5.34 3.93
N ASP A 95 17.99 5.21 4.14
CA ASP A 95 18.70 3.96 3.93
C ASP A 95 18.94 3.17 5.22
N ALA A 96 18.95 3.82 6.37
CA ALA A 96 19.15 3.15 7.65
C ALA A 96 18.62 4.08 8.72
N VAL A 97 18.25 3.49 9.87
CA VAL A 97 17.73 4.26 11.00
C VAL A 97 18.35 3.73 12.29
N GLN A 98 18.53 4.63 13.25
CA GLN A 98 18.82 4.27 14.63
C GLN A 98 17.68 4.89 15.44
N LEU A 99 16.73 4.07 15.87
CA LEU A 99 15.48 4.55 16.47
C LEU A 99 15.44 4.44 17.98
N GLU A 100 16.44 3.81 18.60
CA GLU A 100 16.43 3.57 20.04
C GLU A 100 17.04 4.77 20.76
N GLY A 101 16.32 5.31 21.73
CA GLY A 101 16.86 6.34 22.58
C GLY A 101 16.25 7.71 22.34
N PRO A 102 16.67 8.69 23.14
CA PRO A 102 16.07 10.03 23.04
C PRO A 102 16.35 10.73 21.73
N VAL A 103 17.46 10.44 21.06
CA VAL A 103 17.79 11.06 19.78
C VAL A 103 17.89 9.98 18.72
N LYS A 104 17.00 10.03 17.73
CA LYS A 104 16.93 9.06 16.66
C LYS A 104 17.66 9.62 15.44
N THR A 105 18.30 8.73 14.69
CA THR A 105 19.08 9.10 13.52
C THR A 105 18.56 8.38 12.28
N VAL A 106 18.45 9.11 11.18
CA VAL A 106 18.23 8.49 9.88
C VAL A 106 19.45 8.77 9.01
N VAL A 107 19.78 7.82 8.15
CA VAL A 107 20.90 7.95 7.23
C VAL A 107 20.35 7.92 5.82
N VAL A 108 20.70 8.93 5.03
CA VAL A 108 20.23 9.11 3.67
C VAL A 108 21.48 9.24 2.82
N GLY A 109 21.85 8.17 2.12
CA GLY A 109 23.12 8.18 1.39
C GLY A 109 24.26 8.34 2.38
N ASP A 110 25.02 9.43 2.26
CA ASP A 110 26.07 9.74 3.22
C ASP A 110 25.71 10.91 4.13
N GLU A 111 24.45 11.30 4.17
CA GLU A 111 23.97 12.34 5.06
C GLU A 111 23.20 11.74 6.23
N THR A 112 23.23 12.43 7.36
CA THR A 112 22.53 11.99 8.57
C THR A 112 21.66 13.12 9.11
N HIS A 113 20.52 12.74 9.69
CA HIS A 113 19.55 13.67 10.25
C HIS A 113 19.00 13.08 11.53
N GLN A 114 18.63 13.94 12.47
CA GLN A 114 18.26 13.48 13.80
C GLN A 114 16.98 14.15 14.28
N ALA A 115 16.25 13.45 15.13
CA ALA A 115 14.97 13.95 15.63
C ALA A 115 14.62 13.27 16.94
N ARG A 116 13.78 13.95 17.74
CA ARG A 116 13.29 13.37 19.00
CA ARG A 116 13.29 13.37 18.99
C ARG A 116 12.18 12.36 18.76
N ALA A 117 11.40 12.51 17.70
CA ALA A 117 10.33 11.58 17.35
C ALA A 117 10.45 11.19 15.89
N VAL A 118 10.03 9.97 15.56
CA VAL A 118 10.01 9.48 14.19
C VAL A 118 8.64 8.88 13.91
N ILE A 119 8.03 9.29 12.80
CA ILE A 119 6.80 8.71 12.31
C ILE A 119 7.14 7.83 11.11
N LEU A 120 6.86 6.53 11.22
CA LEU A 120 7.10 5.57 10.15
C LEU A 120 5.85 5.48 9.27
N ALA A 121 6.00 5.76 7.98
CA ALA A 121 4.87 5.77 7.04
C ALA A 121 5.30 5.21 5.68
N MET A 122 6.06 4.11 5.70
CA MET A 122 6.67 3.61 4.47
C MET A 122 5.72 2.77 3.62
N GLY A 123 4.52 2.46 4.11
CA GLY A 123 3.55 1.75 3.30
C GLY A 123 3.87 0.26 3.14
N ALA A 124 3.11 -0.37 2.25
CA ALA A 124 3.30 -1.77 1.91
C ALA A 124 3.25 -1.95 0.41
N ALA A 125 4.20 -2.69 -0.14
CA ALA A 125 4.22 -2.95 -1.58
C ALA A 125 3.28 -4.11 -1.90
N ALA A 126 2.41 -3.92 -2.90
CA ALA A 126 1.70 -5.05 -3.47
C ALA A 126 2.66 -5.88 -4.32
N ARG A 127 2.60 -7.19 -4.18
CA ARG A 127 3.47 -8.03 -5.01
C ARG A 127 2.95 -8.06 -6.45
N HIS A 128 3.87 -8.11 -7.40
CA HIS A 128 3.52 -8.11 -8.81
C HIS A 128 3.92 -9.42 -9.47
N LEU A 129 3.24 -9.74 -10.57
CA LEU A 129 3.55 -10.96 -11.31
C LEU A 129 4.89 -10.87 -12.01
N GLY A 130 5.28 -9.67 -12.43
CA GLY A 130 6.51 -9.48 -13.18
C GLY A 130 6.44 -9.99 -14.61
N VAL A 131 5.36 -9.70 -15.32
CA VAL A 131 5.17 -10.19 -16.68
C VAL A 131 4.93 -8.98 -17.59
N PRO A 132 5.23 -9.12 -18.88
CA PRO A 132 5.02 -8.00 -19.80
C PRO A 132 3.57 -7.54 -19.83
N GLY A 133 3.38 -6.22 -19.83
CA GLY A 133 2.08 -5.62 -19.83
C GLY A 133 1.55 -5.26 -18.46
N GLU A 134 2.08 -5.85 -17.40
CA GLU A 134 1.50 -5.65 -16.07
C GLU A 134 1.66 -4.20 -15.61
N GLU A 135 2.85 -3.64 -15.78
CA GLU A 135 3.08 -2.30 -15.28
C GLU A 135 2.49 -1.25 -16.21
N ALA A 136 2.63 -1.46 -17.52
CA ALA A 136 2.10 -0.52 -18.51
C ALA A 136 0.59 -0.39 -18.44
N LEU A 137 -0.10 -1.48 -18.12
CA LEU A 137 -1.55 -1.48 -18.08
C LEU A 137 -2.11 -1.33 -16.66
N THR A 138 -1.26 -1.11 -15.66
CA THR A 138 -1.73 -0.76 -14.34
C THR A 138 -2.50 0.57 -14.41
N GLY A 139 -3.72 0.57 -13.87
CA GLY A 139 -4.62 1.69 -14.04
C GLY A 139 -5.40 1.68 -15.33
N MET A 140 -5.18 0.71 -16.20
CA MET A 140 -5.91 0.59 -17.45
C MET A 140 -6.38 -0.85 -17.66
N GLY A 141 -6.74 -1.51 -16.57
CA GLY A 141 -7.16 -2.91 -16.66
C GLY A 141 -6.48 -3.81 -15.64
N VAL A 142 -5.26 -3.47 -15.24
CA VAL A 142 -4.52 -4.21 -14.22
C VAL A 142 -4.62 -3.45 -12.91
N SER A 143 -4.89 -4.17 -11.82
CA SER A 143 -5.00 -3.56 -10.50
C SER A 143 -4.57 -4.57 -9.44
N THR A 144 -4.15 -4.04 -8.29
CA THR A 144 -3.93 -4.86 -7.10
C THR A 144 -4.97 -4.60 -6.01
N CYS A 145 -6.04 -3.87 -6.31
CA CYS A 145 -6.97 -3.47 -5.25
C CYS A 145 -8.41 -3.55 -5.73
N ALA A 146 -9.11 -4.62 -5.33
CA ALA A 146 -10.52 -4.77 -5.69
C ALA A 146 -11.39 -3.69 -5.08
N THR A 147 -11.15 -3.33 -3.81
CA THR A 147 -11.95 -2.27 -3.19
C THR A 147 -11.80 -0.97 -3.97
N CYS A 148 -10.59 -0.70 -4.46
CA CYS A 148 -10.33 0.51 -5.22
C CYS A 148 -11.03 0.48 -6.58
N ASP A 149 -10.81 -0.59 -7.35
CA ASP A 149 -11.08 -0.57 -8.78
C ASP A 149 -12.15 -1.53 -9.28
N GLY A 150 -12.68 -2.42 -8.43
CA GLY A 150 -13.65 -3.39 -8.91
C GLY A 150 -14.88 -2.76 -9.53
N PHE A 151 -15.30 -1.60 -9.01
CA PHE A 151 -16.47 -0.89 -9.53
C PHE A 151 -16.37 -0.61 -11.03
N PHE A 152 -15.15 -0.46 -11.54
CA PHE A 152 -14.92 -0.12 -12.95
C PHE A 152 -15.11 -1.30 -13.89
N PHE A 153 -15.44 -2.49 -13.39
CA PHE A 153 -15.49 -3.69 -14.21
C PHE A 153 -16.88 -4.34 -14.17
N ARG A 154 -17.92 -3.52 -14.05
CA ARG A 154 -19.28 -4.03 -14.01
C ARG A 154 -19.62 -4.77 -15.29
N ASP A 155 -20.11 -6.00 -15.14
CA ASP A 155 -20.51 -6.88 -16.25
C ASP A 155 -19.35 -7.19 -17.20
N GLN A 156 -18.12 -7.15 -16.72
CA GLN A 156 -16.98 -7.55 -17.52
C GLN A 156 -16.44 -8.90 -17.06
N ASP A 157 -15.70 -9.57 -17.94
CA ASP A 157 -15.00 -10.81 -17.62
C ASP A 157 -13.59 -10.47 -17.18
N ILE A 158 -13.22 -10.86 -15.97
CA ILE A 158 -11.93 -10.50 -15.40
C ILE A 158 -11.27 -11.73 -14.81
N VAL A 159 -9.98 -11.61 -14.48
CA VAL A 159 -9.24 -12.65 -13.78
C VAL A 159 -8.71 -12.08 -12.47
N VAL A 160 -8.50 -12.98 -11.52
CA VAL A 160 -7.83 -12.72 -10.26
C VAL A 160 -6.74 -13.76 -10.12
N VAL A 161 -5.53 -13.33 -9.73
CA VAL A 161 -4.39 -14.23 -9.56
C VAL A 161 -4.08 -14.33 -8.08
N GLY A 162 -3.97 -15.56 -7.59
CA GLY A 162 -3.41 -15.79 -6.28
C GLY A 162 -4.09 -16.95 -5.60
N GLY A 163 -3.46 -17.42 -4.52
CA GLY A 163 -3.91 -18.63 -3.86
C GLY A 163 -4.25 -18.52 -2.39
N GLY A 164 -4.17 -17.32 -1.81
CA GLY A 164 -4.36 -17.14 -0.39
C GLY A 164 -5.65 -16.42 -0.04
N ASP A 165 -5.75 -16.06 1.25
CA ASP A 165 -6.94 -15.34 1.73
C ASP A 165 -7.14 -14.04 0.96
N SER A 166 -6.03 -13.38 0.58
CA SER A 166 -6.15 -12.13 -0.18
C SER A 166 -6.89 -12.36 -1.49
N ALA A 167 -6.48 -13.37 -2.25
CA ALA A 167 -7.14 -13.68 -3.52
C ALA A 167 -8.59 -14.07 -3.32
N MET A 168 -8.89 -14.90 -2.31
CA MET A 168 -10.29 -15.25 -2.06
CA MET A 168 -10.28 -15.24 -2.04
C MET A 168 -11.09 -14.01 -1.70
N GLU A 169 -10.51 -13.12 -0.89
CA GLU A 169 -11.19 -11.90 -0.48
C GLU A 169 -11.44 -10.99 -1.67
N GLU A 170 -10.41 -10.76 -2.48
CA GLU A 170 -10.55 -9.93 -3.67
C GLU A 170 -11.54 -10.53 -4.66
N ALA A 171 -11.40 -11.83 -4.95
CA ALA A 171 -12.29 -12.49 -5.89
C ALA A 171 -13.74 -12.42 -5.42
N THR A 172 -13.96 -12.60 -4.11
CA THR A 172 -15.32 -12.50 -3.58
C THR A 172 -15.89 -11.10 -3.83
N PHE A 173 -15.13 -10.07 -3.51
CA PHE A 173 -15.64 -8.70 -3.67
C PHE A 173 -15.95 -8.40 -5.14
N LEU A 174 -15.07 -8.88 -6.04
CA LEU A 174 -15.23 -8.58 -7.46
C LEU A 174 -16.51 -9.15 -8.04
N THR A 175 -17.03 -10.24 -7.47
CA THR A 175 -18.27 -10.78 -8.01
C THR A 175 -19.47 -9.87 -7.75
N ARG A 176 -19.31 -8.84 -6.90
CA ARG A 176 -20.36 -7.83 -6.79
C ARG A 176 -20.55 -7.06 -8.09
N PHE A 177 -19.56 -7.07 -8.98
CA PHE A 177 -19.58 -6.27 -10.20
C PHE A 177 -19.47 -7.11 -11.46
N ALA A 178 -18.48 -7.99 -11.52
CA ALA A 178 -18.10 -8.61 -12.78
C ALA A 178 -19.14 -9.63 -13.24
N ARG A 179 -19.20 -9.83 -14.55
CA ARG A 179 -20.01 -10.92 -15.09
C ARG A 179 -19.41 -12.27 -14.72
N SER A 180 -18.09 -12.37 -14.75
CA SER A 180 -17.41 -13.60 -14.36
C SER A 180 -16.04 -13.26 -13.81
N VAL A 181 -15.61 -14.04 -12.81
CA VAL A 181 -14.30 -13.91 -12.21
C VAL A 181 -13.60 -15.26 -12.35
N THR A 182 -12.48 -15.28 -13.05
CA THR A 182 -11.66 -16.47 -13.19
C THR A 182 -10.48 -16.33 -12.25
N LEU A 183 -10.44 -17.18 -11.22
CA LEU A 183 -9.38 -17.15 -10.23
CA LEU A 183 -9.38 -17.15 -10.23
C LEU A 183 -8.28 -18.11 -10.67
N ILE A 184 -7.09 -17.58 -10.92
CA ILE A 184 -5.95 -18.34 -11.45
C ILE A 184 -4.92 -18.52 -10.34
N HIS A 185 -4.40 -19.74 -10.21
CA HIS A 185 -3.38 -20.04 -9.22
C HIS A 185 -2.38 -21.02 -9.78
N ARG A 186 -1.09 -20.82 -9.45
CA ARG A 186 -0.01 -21.55 -10.08
C ARG A 186 0.14 -22.98 -9.58
N ARG A 187 -0.58 -23.38 -8.53
CA ARG A 187 -0.58 -24.75 -8.04
C ARG A 187 -2.01 -25.27 -8.01
N ASP A 188 -2.19 -26.53 -7.58
CA ASP A 188 -3.53 -27.01 -7.29
C ASP A 188 -3.84 -27.02 -5.80
N GLU A 189 -2.90 -26.61 -4.97
CA GLU A 189 -3.13 -26.41 -3.54
C GLU A 189 -3.28 -24.92 -3.26
N PHE A 190 -4.05 -24.60 -2.22
CA PHE A 190 -4.36 -23.22 -1.86
C PHE A 190 -3.90 -22.94 -0.44
N ARG A 191 -3.17 -21.83 -0.27
CA ARG A 191 -2.76 -21.35 1.04
C ARG A 191 -3.89 -20.69 1.81
N ALA A 192 -5.06 -20.52 1.21
CA ALA A 192 -6.16 -19.81 1.84
C ALA A 192 -6.85 -20.69 2.90
N SER A 193 -7.46 -20.02 3.87
CA SER A 193 -8.15 -20.73 4.95
C SER A 193 -9.28 -21.58 4.38
N LYS A 194 -9.61 -22.65 5.12
CA LYS A 194 -10.65 -23.58 4.66
C LYS A 194 -11.98 -22.87 4.46
N ILE A 195 -12.31 -21.91 5.33
CA ILE A 195 -13.56 -21.17 5.19
C ILE A 195 -13.55 -20.32 3.92
N MET A 196 -12.50 -19.52 3.72
CA MET A 196 -12.41 -18.67 2.54
C MET A 196 -12.44 -19.50 1.26
N LEU A 197 -11.64 -20.58 1.23
CA LEU A 197 -11.60 -21.43 0.04
C LEU A 197 -12.97 -22.03 -0.26
N GLU A 198 -13.66 -22.52 0.78
CA GLU A 198 -14.95 -23.18 0.57
C GLU A 198 -15.99 -22.21 0.04
N ARG A 199 -15.97 -20.96 0.52
CA ARG A 199 -17.00 -20.01 0.10
C ARG A 199 -16.89 -19.66 -1.38
N ALA A 200 -15.66 -19.43 -1.87
CA ALA A 200 -15.50 -19.04 -3.27
C ALA A 200 -15.91 -20.18 -4.21
N ARG A 201 -15.62 -21.43 -3.83
CA ARG A 201 -16.07 -22.55 -4.64
C ARG A 201 -17.59 -22.59 -4.72
N ALA A 202 -18.28 -22.06 -3.70
CA ALA A 202 -19.73 -21.97 -3.73
C ALA A 202 -20.25 -20.81 -4.56
N ASN A 203 -19.41 -19.80 -4.80
CA ASN A 203 -19.82 -18.63 -5.56
C ASN A 203 -19.89 -18.99 -7.04
N GLU A 204 -21.09 -18.93 -7.62
CA GLU A 204 -21.28 -19.36 -9.00
C GLU A 204 -20.61 -18.43 -10.01
N LYS A 205 -20.26 -17.22 -9.60
CA LYS A 205 -19.57 -16.30 -10.51
C LYS A 205 -18.06 -16.55 -10.58
N ILE A 206 -17.51 -17.41 -9.73
CA ILE A 206 -16.07 -17.66 -9.69
C ILE A 206 -15.76 -18.98 -10.37
N THR A 207 -14.79 -18.96 -11.29
CA THR A 207 -14.26 -20.17 -11.93
C THR A 207 -12.80 -20.32 -11.53
N PHE A 208 -12.46 -21.50 -11.03
CA PHE A 208 -11.10 -21.78 -10.60
C PHE A 208 -10.28 -22.37 -11.74
N LEU A 209 -9.03 -21.91 -11.85
CA LEU A 209 -8.12 -22.35 -12.90
C LEU A 209 -6.79 -22.62 -12.20
N THR A 210 -6.58 -23.85 -11.77
CA THR A 210 -5.39 -24.19 -11.02
C THR A 210 -4.25 -24.57 -11.97
N ASN A 211 -3.04 -24.72 -11.41
CA ASN A 211 -1.85 -25.08 -12.16
C ASN A 211 -1.64 -24.16 -13.36
N THR A 212 -2.00 -22.89 -13.20
CA THR A 212 -2.00 -21.93 -14.30
C THR A 212 -1.30 -20.65 -13.87
N GLU A 213 -0.55 -20.05 -14.80
CA GLU A 213 0.04 -18.74 -14.57
C GLU A 213 -0.20 -17.84 -15.79
N ILE A 214 -0.19 -16.53 -15.55
CA ILE A 214 -0.18 -15.53 -16.62
C ILE A 214 1.25 -15.31 -17.07
N THR A 215 1.49 -15.36 -18.38
CA THR A 215 2.82 -15.03 -18.90
C THR A 215 2.90 -13.65 -19.52
N GLN A 216 1.76 -13.04 -19.86
CA GLN A 216 1.72 -11.73 -20.52
C GLN A 216 0.29 -11.20 -20.48
N ILE A 217 0.17 -9.90 -20.29
CA ILE A 217 -1.12 -9.19 -20.28
C ILE A 217 -1.19 -8.35 -21.54
N GLU A 218 -2.22 -8.59 -22.37
CA GLU A 218 -2.34 -7.99 -23.70
C GLU A 218 -3.19 -6.73 -23.67
N GLY A 219 -2.94 -5.83 -24.63
CA GLY A 219 -3.77 -4.65 -24.80
C GLY A 219 -3.01 -3.37 -25.15
N ASP A 220 -3.45 -2.68 -26.21
CA ASP A 220 -2.71 -1.55 -26.76
C ASP A 220 -3.07 -0.23 -26.05
N PRO A 221 -4.34 0.00 -25.67
CA PRO A 221 -4.62 1.02 -24.65
C PRO A 221 -5.10 0.45 -23.31
N LYS A 222 -5.99 -0.55 -23.34
CA LYS A 222 -6.53 -1.16 -22.13
C LYS A 222 -6.40 -2.66 -22.22
N VAL A 223 -6.54 -3.34 -21.08
CA VAL A 223 -6.39 -4.79 -21.04
C VAL A 223 -7.45 -5.45 -21.92
N THR A 224 -7.01 -6.32 -22.83
CA THR A 224 -7.90 -7.06 -23.71
C THR A 224 -7.79 -8.57 -23.55
N GLY A 225 -6.83 -9.08 -22.80
CA GLY A 225 -6.64 -10.51 -22.67
C GLY A 225 -5.33 -10.82 -21.96
N VAL A 226 -5.18 -12.09 -21.59
CA VAL A 226 -3.95 -12.58 -20.96
C VAL A 226 -3.48 -13.83 -21.69
N ARG A 227 -2.17 -14.05 -21.70
CA ARG A 227 -1.59 -15.30 -22.15
C ARG A 227 -1.35 -16.18 -20.94
N LEU A 228 -1.77 -17.43 -21.03
CA LEU A 228 -1.72 -18.38 -19.93
C LEU A 228 -0.73 -19.50 -20.23
N ARG A 229 -0.22 -20.11 -19.16
CA ARG A 229 0.61 -21.29 -19.27
C ARG A 229 0.28 -22.24 -18.12
N ASP A 230 0.19 -23.53 -18.44
CA ASP A 230 -0.01 -24.55 -17.42
C ASP A 230 1.33 -24.83 -16.75
N THR A 231 1.39 -24.63 -15.43
CA THR A 231 2.65 -24.76 -14.70
C THR A 231 3.16 -26.19 -14.61
N VAL A 232 2.34 -27.17 -14.96
CA VAL A 232 2.74 -28.58 -14.96
C VAL A 232 3.06 -29.08 -16.37
N THR A 233 2.15 -28.87 -17.32
CA THR A 233 2.35 -29.41 -18.66
C THR A 233 3.01 -28.43 -19.63
N GLY A 234 2.96 -27.13 -19.35
CA GLY A 234 3.44 -26.13 -20.27
C GLY A 234 2.45 -25.73 -21.34
N GLU A 235 1.27 -26.35 -21.37
CA GLU A 235 0.27 -25.98 -22.36
C GLU A 235 -0.08 -24.50 -22.22
N GLU A 236 -0.12 -23.81 -23.35
CA GLU A 236 -0.38 -22.37 -23.37
C GLU A 236 -1.72 -22.10 -24.04
N SER A 237 -2.36 -21.02 -23.62
CA SER A 237 -3.63 -20.61 -24.17
C SER A 237 -3.75 -19.10 -24.03
N LYS A 238 -4.82 -18.57 -24.59
CA LYS A 238 -5.18 -17.16 -24.49
C LYS A 238 -6.56 -17.07 -23.86
N LEU A 239 -6.75 -16.04 -23.04
CA LEU A 239 -8.03 -15.80 -22.39
C LEU A 239 -8.41 -14.34 -22.61
N ASP A 240 -9.55 -14.11 -23.24
CA ASP A 240 -10.05 -12.75 -23.42
C ASP A 240 -10.70 -12.28 -22.12
N VAL A 241 -10.15 -11.22 -21.54
CA VAL A 241 -10.67 -10.59 -20.34
C VAL A 241 -10.29 -9.13 -20.45
N THR A 242 -11.01 -8.28 -19.73
CA THR A 242 -10.73 -6.86 -19.75
C THR A 242 -10.24 -6.33 -18.41
N GLY A 243 -9.99 -7.22 -17.45
CA GLY A 243 -9.43 -6.81 -16.18
C GLY A 243 -8.61 -7.92 -15.58
N VAL A 244 -7.54 -7.54 -14.88
CA VAL A 244 -6.65 -8.47 -14.19
C VAL A 244 -6.40 -7.91 -12.81
N PHE A 245 -6.80 -8.66 -11.78
CA PHE A 245 -6.57 -8.24 -10.41
C PHE A 245 -5.53 -9.17 -9.80
N VAL A 246 -4.41 -8.59 -9.40
CA VAL A 246 -3.28 -9.34 -8.87
C VAL A 246 -3.40 -9.34 -7.35
N ALA A 247 -3.57 -10.51 -6.76
CA ALA A 247 -3.76 -10.62 -5.32
C ALA A 247 -2.87 -11.73 -4.77
N ILE A 248 -1.56 -11.57 -4.95
CA ILE A 248 -0.60 -12.59 -4.53
C ILE A 248 0.15 -12.17 -3.27
N GLY A 249 -0.35 -11.18 -2.55
CA GLY A 249 0.21 -10.80 -1.26
C GLY A 249 0.75 -9.38 -1.26
N HIS A 250 1.15 -8.96 -0.06
CA HIS A 250 1.76 -7.65 0.16
C HIS A 250 3.02 -7.81 1.00
N ASP A 251 3.93 -6.85 0.84
CA ASP A 251 5.19 -6.81 1.58
C ASP A 251 5.25 -5.46 2.27
N PRO A 252 4.83 -5.36 3.53
CA PRO A 252 5.04 -4.12 4.28
C PRO A 252 6.51 -3.70 4.21
N ARG A 253 6.73 -2.41 3.98
CA ARG A 253 8.09 -1.89 3.84
C ARG A 253 8.70 -1.64 5.22
N SER A 254 8.88 -2.73 5.97
CA SER A 254 9.41 -2.64 7.32
C SER A 254 10.88 -3.00 7.42
N GLU A 255 11.56 -3.24 6.29
CA GLU A 255 12.95 -3.72 6.32
C GLU A 255 13.84 -2.78 7.12
N LEU A 256 13.64 -1.46 6.97
CA LEU A 256 14.42 -0.48 7.72
C LEU A 256 14.38 -0.70 9.22
N VAL A 257 13.24 -1.14 9.76
CA VAL A 257 13.03 -1.12 11.20
C VAL A 257 13.03 -2.51 11.80
N ARG A 258 13.17 -3.55 10.99
CA ARG A 258 13.28 -4.89 11.52
C ARG A 258 14.45 -4.99 12.50
N GLY A 259 14.19 -5.58 13.66
CA GLY A 259 15.21 -5.68 14.68
C GLY A 259 15.25 -4.53 15.66
N GLN A 260 14.51 -3.46 15.41
CA GLN A 260 14.37 -2.35 16.34
CA GLN A 260 14.38 -2.39 16.38
C GLN A 260 12.95 -2.15 16.82
N VAL A 261 11.97 -2.37 15.94
CA VAL A 261 10.55 -2.19 16.23
C VAL A 261 9.86 -3.53 16.06
N GLU A 262 8.98 -3.89 17.00
CA GLU A 262 8.34 -5.20 16.93
C GLU A 262 7.42 -5.27 15.72
N LEU A 263 7.53 -6.36 14.96
CA LEU A 263 6.69 -6.61 13.81
C LEU A 263 5.88 -7.88 14.03
N ASP A 264 4.76 -8.01 13.32
CA ASP A 264 4.07 -9.29 13.38
C ASP A 264 4.74 -10.28 12.42
N ASP A 265 4.18 -11.49 12.33
CA ASP A 265 4.81 -12.55 11.55
C ASP A 265 4.86 -12.24 10.06
N GLU A 266 4.03 -11.33 9.57
CA GLU A 266 4.02 -10.98 8.16
C GLU A 266 4.76 -9.69 7.88
N GLY A 267 5.41 -9.11 8.90
CA GLY A 267 6.22 -7.92 8.72
C GLY A 267 5.53 -6.59 8.98
N TYR A 268 4.27 -6.57 9.42
CA TYR A 268 3.62 -5.30 9.69
C TYR A 268 4.08 -4.77 11.04
N VAL A 269 4.21 -3.46 11.14
CA VAL A 269 4.63 -2.85 12.40
C VAL A 269 3.48 -2.93 13.40
N LYS A 270 3.77 -3.45 14.60
CA LYS A 270 2.77 -3.54 15.65
C LYS A 270 2.58 -2.20 16.35
N VAL A 271 1.34 -1.88 16.70
CA VAL A 271 1.06 -0.64 17.43
C VAL A 271 0.24 -0.99 18.68
N GLN A 272 0.27 -0.09 19.65
CA GLN A 272 -0.31 -0.36 20.97
C GLN A 272 -1.78 0.05 20.97
N GLY A 273 -2.66 -0.90 21.27
CA GLY A 273 -4.09 -0.58 21.40
C GLY A 273 -4.64 0.07 20.15
N ARG A 274 -5.40 1.15 20.33
CA ARG A 274 -5.93 1.93 19.22
C ARG A 274 -5.06 3.12 18.88
N THR A 275 -3.82 3.17 19.38
CA THR A 275 -2.91 4.28 19.13
C THR A 275 -1.97 3.94 17.99
N THR A 276 -1.05 4.88 17.70
CA THR A 276 0.02 4.65 16.74
C THR A 276 1.36 4.38 17.41
N TYR A 277 1.40 4.22 18.74
CA TYR A 277 2.67 3.92 19.41
C TYR A 277 3.20 2.56 18.99
N THR A 278 4.47 2.50 18.57
CA THR A 278 5.13 1.22 18.33
C THR A 278 5.73 0.71 19.64
N SER A 279 6.56 -0.33 19.55
CA SER A 279 7.27 -0.84 20.72
C SER A 279 8.38 0.08 21.19
N LEU A 280 8.73 1.12 20.44
CA LEU A 280 9.85 2.00 20.78
C LEU A 280 9.35 3.37 21.17
N ASP A 281 9.87 3.89 22.28
CA ASP A 281 9.50 5.22 22.73
CA ASP A 281 9.52 5.22 22.73
C ASP A 281 9.88 6.28 21.69
N GLY A 282 8.93 7.15 21.39
CA GLY A 282 9.16 8.19 20.41
C GLY A 282 9.03 7.75 18.97
N VAL A 283 8.53 6.55 18.71
CA VAL A 283 8.40 6.04 17.36
C VAL A 283 6.96 5.62 17.14
N PHE A 284 6.34 6.18 16.11
CA PHE A 284 4.93 6.01 15.81
C PHE A 284 4.81 5.53 14.37
N ALA A 285 3.71 4.84 14.07
CA ALA A 285 3.59 4.20 12.75
C ALA A 285 2.17 4.33 12.22
N ALA A 286 2.06 4.56 10.91
CA ALA A 286 0.78 4.86 10.29
C ALA A 286 0.69 4.19 8.91
N GLY A 287 -0.54 4.12 8.39
CA GLY A 287 -0.74 3.70 7.02
C GLY A 287 -0.61 2.18 6.84
N ASP A 288 -0.35 1.78 5.60
CA ASP A 288 -0.35 0.36 5.25
C ASP A 288 0.89 -0.38 5.75
N LEU A 289 1.87 0.34 6.29
CA LEU A 289 2.92 -0.30 7.08
C LEU A 289 2.35 -1.01 8.30
N VAL A 290 1.19 -0.56 8.77
CA VAL A 290 0.53 -1.08 9.97
C VAL A 290 -0.73 -1.84 9.61
N ASP A 291 -1.60 -1.22 8.78
CA ASP A 291 -2.94 -1.73 8.50
C ASP A 291 -2.84 -2.79 7.42
N HIS A 292 -3.15 -4.04 7.75
CA HIS A 292 -3.23 -5.10 6.74
C HIS A 292 -4.68 -5.55 6.51
N THR A 293 -5.64 -4.65 6.73
CA THR A 293 -7.05 -4.95 6.59
C THR A 293 -7.74 -4.09 5.55
N TYR A 294 -7.61 -2.76 5.65
CA TYR A 294 -8.37 -1.85 4.78
C TYR A 294 -7.58 -1.40 3.57
N ARG A 295 -6.38 -0.86 3.78
CA ARG A 295 -5.48 -0.49 2.69
C ARG A 295 -6.15 0.48 1.73
N GLN A 296 -6.67 1.59 2.27
CA GLN A 296 -7.27 2.66 1.48
C GLN A 296 -6.50 3.95 1.74
N ALA A 297 -6.60 4.88 0.80
CA ALA A 297 -5.96 6.17 0.99
C ALA A 297 -6.60 6.92 2.17
N ILE A 298 -7.92 6.81 2.34
CA ILE A 298 -8.56 7.58 3.40
C ILE A 298 -8.22 7.01 4.78
N THR A 299 -8.08 5.69 4.90
CA THR A 299 -7.68 5.13 6.19
C THR A 299 -6.22 5.45 6.49
N ALA A 300 -5.35 5.38 5.46
CA ALA A 300 -3.96 5.77 5.65
C ALA A 300 -3.85 7.24 6.06
N ALA A 301 -4.59 8.12 5.38
CA ALA A 301 -4.60 9.53 5.77
C ALA A 301 -5.02 9.70 7.23
N GLY A 302 -6.11 9.03 7.62
CA GLY A 302 -6.55 9.11 9.01
C GLY A 302 -5.48 8.70 10.00
N SER A 303 -4.80 7.57 9.75
CA SER A 303 -3.79 7.10 10.70
C SER A 303 -2.55 8.01 10.70
N GLY A 304 -2.26 8.66 9.58
CA GLY A 304 -1.15 9.60 9.57
C GLY A 304 -1.44 10.82 10.42
N CYS A 305 -2.68 11.31 10.38
CA CYS A 305 -3.10 12.32 11.35
C CYS A 305 -2.93 11.82 12.77
N ALA A 306 -3.41 10.60 13.06
CA ALA A 306 -3.34 10.08 14.42
C ALA A 306 -1.89 9.95 14.90
N ALA A 307 -0.98 9.51 14.01
CA ALA A 307 0.42 9.41 14.39
C ALA A 307 1.00 10.79 14.72
N SER A 308 0.58 11.81 13.96
CA SER A 308 1.12 13.14 14.19
C SER A 308 0.61 13.72 15.50
N ILE A 309 -0.67 13.46 15.85
CA ILE A 309 -1.20 13.93 17.11
C ILE A 309 -0.57 13.17 18.28
N ASP A 310 -0.45 11.84 18.16
CA ASP A 310 0.27 11.08 19.18
C ASP A 310 1.67 11.64 19.39
N ALA A 311 2.40 11.90 18.30
CA ALA A 311 3.78 12.36 18.42
C ALA A 311 3.85 13.74 19.04
N GLU A 312 2.98 14.65 18.62
CA GLU A 312 2.96 16.00 19.18
C GLU A 312 2.72 15.94 20.69
N ARG A 313 1.72 15.17 21.11
CA ARG A 313 1.41 15.13 22.54
C ARG A 313 2.51 14.41 23.31
N TRP A 314 3.14 13.39 22.71
CA TRP A 314 4.27 12.74 23.37
C TRP A 314 5.45 13.69 23.49
N LEU A 315 5.70 14.49 22.44
CA LEU A 315 6.78 15.48 22.50
C LEU A 315 6.52 16.51 23.60
N ALA A 316 5.25 16.92 23.78
CA ALA A 316 4.96 17.89 24.82
C ALA A 316 5.20 17.33 26.22
N GLU A 317 5.14 16.00 26.37
CA GLU A 317 5.40 15.38 27.66
C GLU A 317 6.87 15.37 28.04
N GLN A 318 7.77 15.47 27.07
CA GLN A 318 9.20 15.37 27.36
C GLN A 318 9.71 16.64 28.03
PA FAD B . 2.18 4.35 0.42
O1A FAD B . 2.69 3.03 -0.08
O2A FAD B . 1.03 4.81 -0.44
O5B FAD B . 3.28 5.48 0.40
C5B FAD B . 4.55 5.24 1.05
C4B FAD B . 5.56 6.16 0.39
O4B FAD B . 6.74 6.22 1.21
C3B FAD B . 6.02 5.71 -1.01
O3B FAD B . 6.16 6.81 -1.90
C2B FAD B . 7.39 5.07 -0.72
O2B FAD B . 8.23 5.17 -1.86
C1B FAD B . 7.88 5.96 0.41
N9A FAD B . 8.88 5.31 1.23
C8A FAD B . 8.94 3.99 1.60
N7A FAD B . 10.03 3.64 2.21
C5A FAD B . 10.77 4.82 2.27
C6A FAD B . 12.05 5.11 2.77
N6A FAD B . 12.87 4.20 3.29
N1A FAD B . 12.49 6.39 2.67
C2A FAD B . 11.68 7.29 2.11
N3A FAD B . 10.47 7.14 1.58
C4A FAD B . 10.07 5.86 1.69
N1 FAD B . -6.85 3.58 -2.22
C2 FAD B . -8.03 4.27 -2.25
O2 FAD B . -8.51 4.76 -1.22
N3 FAD B . -8.66 4.51 -3.47
C4 FAD B . -8.19 4.15 -4.71
O4 FAD B . -8.84 4.41 -5.72
C4X FAD B . -6.92 3.44 -4.68
N5 FAD B . -6.38 3.06 -5.81
C5X FAD B . -5.18 2.36 -5.77
C6 FAD B . -4.61 1.93 -6.97
C7 FAD B . -3.42 1.21 -6.98
C7M FAD B . -2.85 0.73 -8.29
C8 FAD B . -2.76 0.94 -5.76
C8M FAD B . -1.43 0.22 -5.74
C9 FAD B . -3.34 1.35 -4.57
C9A FAD B . -4.54 2.06 -4.56
N10 FAD B . -5.15 2.48 -3.36
C10 FAD B . -6.34 3.19 -3.39
C1' FAD B . -4.55 2.16 -2.06
C2' FAD B . -3.84 3.38 -1.45
O2' FAD B . -3.05 3.99 -2.46
C3' FAD B . -2.97 2.96 -0.27
O3' FAD B . -3.75 2.21 0.66
C4' FAD B . -2.35 4.16 0.46
O4' FAD B . -1.63 4.97 -0.48
C5' FAD B . -1.42 3.73 1.57
O5' FAD B . -0.76 4.94 2.00
P FAD B . 0.58 4.87 2.84
O1P FAD B . 1.00 6.24 3.20
O2P FAD B . 0.46 4.01 4.06
O3P FAD B . 1.71 4.19 1.95
S SO4 C . 10.20 21.57 -2.72
O1 SO4 C . 9.97 22.92 -2.21
O2 SO4 C . 9.97 20.59 -1.66
O3 SO4 C . 9.32 21.32 -3.86
O4 SO4 C . 11.59 21.39 -3.10
S SO4 D . 19.28 19.12 8.35
O1 SO4 D . 18.22 20.12 8.45
O2 SO4 D . 18.86 17.88 9.03
O3 SO4 D . 19.55 18.88 6.93
O4 SO4 D . 20.49 19.58 9.02
S SO4 E . 5.65 -3.52 -19.12
O1 SO4 E . 5.96 -2.21 -19.68
O2 SO4 E . 4.26 -3.54 -18.65
O3 SO4 E . 5.81 -4.55 -20.14
O4 SO4 E . 6.53 -3.77 -17.99
S SO4 F . -18.59 21.32 -7.56
O1 SO4 F . -18.88 19.96 -7.11
O2 SO4 F . -19.21 22.29 -6.65
O3 SO4 F . -19.13 21.50 -8.90
O4 SO4 F . -17.14 21.51 -7.59
S SO4 G . 8.35 -1.33 -4.18
O1 SO4 G . 7.07 -0.64 -4.41
O2 SO4 G . 8.65 -1.39 -2.75
O3 SO4 G . 8.26 -2.68 -4.74
O4 SO4 G . 9.42 -0.58 -4.83
S SO4 H . 0.45 -21.65 -2.41
O1 SO4 H . -0.77 -20.85 -2.24
O2 SO4 H . 0.84 -22.18 -1.10
O3 SO4 H . 0.17 -22.77 -3.31
O4 SO4 H . 1.51 -20.81 -2.96
S SO4 I . 2.32 -12.23 15.65
O1 SO4 I . 1.73 -11.04 16.26
O2 SO4 I . 1.72 -13.42 16.26
O3 SO4 I . 2.07 -12.25 14.21
O4 SO4 I . 3.76 -12.25 15.90
S SO4 J . -1.88 -13.64 1.18
O1 SO4 J . -3.28 -13.90 1.46
O2 SO4 J . -1.55 -12.27 1.59
O3 SO4 J . -1.63 -13.83 -0.24
O4 SO4 J . -1.03 -14.59 1.91
S SO4 K . -1.13 31.08 3.11
O1 SO4 K . -2.53 31.28 3.46
O2 SO4 K . -0.35 32.20 3.64
O3 SO4 K . -0.98 31.01 1.66
O4 SO4 K . -0.64 29.83 3.69
S SO4 L . -1.98 -3.93 22.65
O1 SO4 L . -1.26 -2.79 23.21
O2 SO4 L . -3.36 -3.92 23.14
O3 SO4 L . -1.96 -3.86 21.20
O4 SO4 L . -1.33 -5.17 23.07
#